data_8RNM
#
_entry.id   8RNM
#
_cell.length_a   75.999
_cell.length_b   75.999
_cell.length_c   185.826
_cell.angle_alpha   90.00
_cell.angle_beta   90.00
_cell.angle_gamma   90.00
#
_symmetry.space_group_name_H-M   'P 43 21 2'
#
loop_
_entity.id
_entity.type
_entity.pdbx_description
1 polymer 'Unspecific peroxygenase'
2 non-polymer 2-acetamido-2-deoxy-beta-D-glucopyranose
3 non-polymer 'PROTOPORPHYRIN IX CONTAINING FE'
4 non-polymer DI(HYDROXYETHYL)ETHER
5 non-polymer TESTOSTERONE
6 non-polymer GLYCEROL
7 non-polymer 'MAGNESIUM ION'
8 non-polymer 'SULFATE ION'
9 water water
#
_entity_poly.entity_id   1
_entity_poly.type   'polypeptide(L)'
_entity_poly.pdbx_seq_one_letter_code
;AVDFSAHPWKAPGPNDSRGPCPGLNTLANHGFLPRNGRNISVPMIVKAGFEGYNVQSDILILAGKVGMLTSREADTISLE
DLKLHGTIEHDASLSREDVAIGDNLHFNEAIFTTLANSNPGADVYNISSAAQVQHDRLADSVARNPNVTNTDLTATIRSS
ESAFYLTVMSAGDPLRGEAPKKFVNVFFQEERMPIKEGWKRSTTPINLPLLGPIIDRITELSDWKPTGDNCGAIVLGPGL
;
_entity_poly.pdbx_strand_id   A,B
#
loop_
_chem_comp.id
_chem_comp.type
_chem_comp.name
_chem_comp.formula
GOL non-polymer GLYCEROL 'C3 H8 O3'
HEM non-polymer 'PROTOPORPHYRIN IX CONTAINING FE' 'C34 H32 Fe N4 O4'
MG non-polymer 'MAGNESIUM ION' 'Mg 2'
NAG D-saccharide, beta linking 2-acetamido-2-deoxy-beta-D-glucopyranose 'C8 H15 N O6'
PEG non-polymer DI(HYDROXYETHYL)ETHER 'C4 H10 O3'
SO4 non-polymer 'SULFATE ION' 'O4 S -2'
TES non-polymer TESTOSTERONE 'C19 H28 O2'
#
# COMPACT_ATOMS: atom_id res chain seq x y z
N ALA A 1 -8.34 -31.68 8.92
CA ALA A 1 -7.60 -30.40 8.82
C ALA A 1 -8.59 -29.24 8.70
N VAL A 2 -9.00 -28.86 7.48
CA VAL A 2 -10.10 -27.91 7.34
C VAL A 2 -11.41 -28.69 7.12
N ASP A 3 -12.41 -28.38 7.94
CA ASP A 3 -13.68 -29.09 7.93
C ASP A 3 -14.76 -28.07 7.55
N PHE A 4 -15.31 -28.15 6.33
CA PHE A 4 -16.33 -27.20 5.91
C PHE A 4 -17.63 -27.33 6.70
N SER A 5 -17.90 -28.54 7.23
CA SER A 5 -19.11 -28.77 8.00
C SER A 5 -19.06 -27.98 9.31
N ALA A 6 -17.85 -27.66 9.80
CA ALA A 6 -17.62 -26.83 10.96
C ALA A 6 -17.67 -25.32 10.62
N HIS A 7 -17.92 -24.98 9.35
CA HIS A 7 -17.94 -23.61 8.84
C HIS A 7 -19.27 -23.36 8.14
N PRO A 8 -20.39 -23.39 8.89
CA PRO A 8 -21.71 -23.09 8.33
C PRO A 8 -21.87 -21.62 7.97
N TRP A 9 -22.69 -21.36 6.95
CA TRP A 9 -23.09 -20.00 6.62
C TRP A 9 -23.99 -19.45 7.71
N LYS A 10 -23.74 -18.21 8.14
CA LYS A 10 -24.66 -17.45 8.96
C LYS A 10 -24.76 -16.03 8.43
N ALA A 11 -25.99 -15.51 8.32
CA ALA A 11 -26.24 -14.13 7.93
C ALA A 11 -25.45 -13.21 8.86
N PRO A 12 -24.81 -12.14 8.35
CA PRO A 12 -24.19 -11.16 9.25
C PRO A 12 -25.27 -10.46 10.07
N GLY A 13 -24.98 -10.19 11.36
CA GLY A 13 -25.83 -9.32 12.17
C GLY A 13 -25.65 -7.85 11.78
N PRO A 14 -26.41 -6.91 12.38
CA PRO A 14 -26.31 -5.50 12.01
C PRO A 14 -24.96 -4.85 12.35
N ASN A 15 -24.22 -5.43 13.30
CA ASN A 15 -22.94 -4.89 13.74
C ASN A 15 -21.75 -5.69 13.20
N ASP A 16 -22.01 -6.71 12.37
CA ASP A 16 -20.95 -7.46 11.70
C ASP A 16 -20.47 -6.67 10.49
N SER A 17 -19.17 -6.36 10.45
CA SER A 17 -18.60 -5.53 9.38
C SER A 17 -18.50 -6.34 8.10
N ARG A 18 -19.08 -5.82 7.01
CA ARG A 18 -18.98 -6.43 5.70
C ARG A 18 -18.53 -5.34 4.74
N GLY A 19 -17.88 -5.76 3.64
CA GLY A 19 -17.28 -4.84 2.70
C GLY A 19 -17.84 -4.97 1.30
N PRO A 20 -17.15 -4.35 0.31
CA PRO A 20 -17.58 -4.44 -1.08
C PRO A 20 -17.12 -5.70 -1.80
N CYS A 21 -16.37 -6.56 -1.08
CA CYS A 21 -15.79 -7.75 -1.66
C CYS A 21 -16.60 -8.99 -1.31
N PRO A 22 -17.26 -9.66 -2.28
CA PRO A 22 -17.99 -10.88 -1.98
C PRO A 22 -17.10 -12.05 -1.55
N GLY A 23 -15.82 -12.04 -1.96
CA GLY A 23 -14.89 -13.08 -1.59
C GLY A 23 -14.61 -13.09 -0.09
N LEU A 24 -14.22 -11.94 0.46
CA LEU A 24 -13.94 -11.80 1.88
C LEU A 24 -15.22 -11.89 2.70
N ASN A 25 -16.32 -11.33 2.21
CA ASN A 25 -17.60 -11.39 2.92
C ASN A 25 -18.03 -12.85 3.10
N THR A 26 -17.89 -13.66 2.04
CA THR A 26 -18.30 -15.06 2.07
C THR A 26 -17.46 -15.81 3.11
N LEU A 27 -16.14 -15.55 3.15
CA LEU A 27 -15.27 -16.19 4.11
C LEU A 27 -15.70 -15.86 5.54
N ALA A 28 -16.05 -14.58 5.78
CA ALA A 28 -16.53 -14.13 7.08
C ALA A 28 -17.84 -14.83 7.44
N ASN A 29 -18.75 -14.96 6.46
CA ASN A 29 -20.07 -15.52 6.68
C ASN A 29 -19.98 -17.02 6.99
N HIS A 30 -18.81 -17.63 6.74
CA HIS A 30 -18.55 -19.03 7.04
C HIS A 30 -17.55 -19.17 8.18
N GLY A 31 -17.11 -18.06 8.79
CA GLY A 31 -16.19 -18.12 9.91
C GLY A 31 -14.76 -18.48 9.52
N PHE A 32 -14.42 -18.50 8.22
CA PHE A 32 -13.02 -18.65 7.81
C PHE A 32 -12.23 -17.40 8.17
N LEU A 33 -12.91 -16.23 8.08
CA LEU A 33 -12.51 -15.01 8.73
C LEU A 33 -13.47 -14.77 9.89
N PRO A 34 -13.12 -13.92 10.88
CA PRO A 34 -14.02 -13.61 11.99
C PRO A 34 -15.40 -13.18 11.46
N ARG A 35 -16.45 -13.72 12.07
CA ARG A 35 -17.81 -13.45 11.64
C ARG A 35 -18.14 -11.97 11.83
N ASN A 36 -17.46 -11.32 12.79
CA ASN A 36 -17.73 -9.91 13.05
C ASN A 36 -17.04 -9.02 12.02
N GLY A 37 -16.18 -9.60 11.18
CA GLY A 37 -15.52 -8.88 10.10
C GLY A 37 -14.48 -7.85 10.56
N ARG A 38 -13.92 -8.00 11.76
CA ARG A 38 -13.04 -6.99 12.32
CA ARG A 38 -13.02 -6.99 12.29
C ARG A 38 -11.70 -7.60 12.71
N ASN A 39 -10.69 -6.72 12.81
CA ASN A 39 -9.38 -7.05 13.35
C ASN A 39 -8.75 -8.11 12.43
N ILE A 40 -8.88 -7.91 11.11
CA ILE A 40 -8.44 -8.87 10.12
C ILE A 40 -7.07 -8.44 9.57
N SER A 41 -6.11 -9.36 9.61
CA SER A 41 -4.74 -9.15 9.13
C SER A 41 -4.53 -9.82 7.78
N VAL A 42 -3.40 -9.53 7.13
CA VAL A 42 -3.08 -10.19 5.88
C VAL A 42 -2.85 -11.67 6.13
N PRO A 43 -2.10 -12.10 7.18
CA PRO A 43 -1.98 -13.53 7.47
C PRO A 43 -3.33 -14.24 7.60
N MET A 44 -4.31 -13.60 8.25
CA MET A 44 -5.64 -14.19 8.43
C MET A 44 -6.33 -14.38 7.08
N ILE A 45 -6.21 -13.37 6.19
CA ILE A 45 -6.75 -13.42 4.85
C ILE A 45 -6.07 -14.54 4.04
N VAL A 46 -4.75 -14.64 4.13
CA VAL A 46 -4.01 -15.68 3.42
C VAL A 46 -4.55 -17.06 3.82
N LYS A 47 -4.68 -17.29 5.13
CA LYS A 47 -5.08 -18.60 5.63
C LYS A 47 -6.53 -18.90 5.22
N ALA A 48 -7.41 -17.90 5.37
CA ALA A 48 -8.82 -18.03 5.04
C ALA A 48 -9.04 -18.30 3.55
N GLY A 49 -8.36 -17.53 2.69
CA GLY A 49 -8.47 -17.72 1.25
C GLY A 49 -7.94 -19.07 0.80
N PHE A 50 -6.89 -19.58 1.45
CA PHE A 50 -6.37 -20.91 1.17
C PHE A 50 -7.40 -21.99 1.55
N GLU A 51 -7.86 -21.93 2.79
CA GLU A 51 -8.75 -22.93 3.37
C GLU A 51 -10.08 -22.98 2.63
N GLY A 52 -10.70 -21.81 2.42
CA GLY A 52 -12.01 -21.71 1.81
C GLY A 52 -12.01 -21.95 0.30
N TYR A 53 -10.99 -21.45 -0.42
CA TYR A 53 -11.08 -21.32 -1.87
C TYR A 53 -9.90 -21.95 -2.63
N ASN A 54 -8.83 -22.32 -1.91
CA ASN A 54 -7.55 -22.76 -2.47
C ASN A 54 -6.91 -21.62 -3.27
N VAL A 55 -7.11 -20.36 -2.83
CA VAL A 55 -6.40 -19.22 -3.40
C VAL A 55 -5.08 -19.07 -2.64
N GLN A 56 -3.98 -18.90 -3.38
CA GLN A 56 -2.63 -18.96 -2.84
C GLN A 56 -2.19 -17.60 -2.30
N SER A 57 -1.06 -17.62 -1.59
CA SER A 57 -0.56 -16.46 -0.87
C SER A 57 -0.08 -15.36 -1.83
N ASP A 58 0.33 -15.71 -3.06
CA ASP A 58 0.91 -14.72 -3.97
C ASP A 58 -0.07 -13.55 -4.16
N ILE A 59 -1.31 -13.85 -4.59
CA ILE A 59 -2.28 -12.79 -4.87
C ILE A 59 -2.84 -12.20 -3.58
N LEU A 60 -3.00 -13.01 -2.52
CA LEU A 60 -3.64 -12.56 -1.30
C LEU A 60 -2.71 -11.65 -0.49
N ILE A 61 -1.40 -11.87 -0.58
CA ILE A 61 -0.44 -10.99 0.07
C ILE A 61 -0.45 -9.62 -0.64
N LEU A 62 -0.45 -9.63 -1.97
CA LEU A 62 -0.39 -8.43 -2.79
C LEU A 62 -1.65 -7.58 -2.56
N ALA A 63 -2.83 -8.18 -2.75
CA ALA A 63 -4.11 -7.50 -2.54
C ALA A 63 -4.31 -7.13 -1.07
N GLY A 64 -3.93 -8.05 -0.18
CA GLY A 64 -4.08 -7.87 1.25
C GLY A 64 -3.39 -6.62 1.77
N LYS A 65 -2.13 -6.41 1.37
CA LYS A 65 -1.36 -5.29 1.86
C LYS A 65 -1.86 -3.97 1.29
N VAL A 66 -2.38 -3.97 0.06
CA VAL A 66 -3.01 -2.77 -0.49
C VAL A 66 -4.29 -2.47 0.31
N GLY A 67 -5.06 -3.49 0.66
CA GLY A 67 -6.27 -3.31 1.45
C GLY A 67 -6.00 -2.80 2.86
N MET A 68 -4.85 -3.18 3.44
CA MET A 68 -4.49 -2.71 4.77
C MET A 68 -4.44 -1.18 4.79
N LEU A 69 -4.13 -0.54 3.66
CA LEU A 69 -4.00 0.91 3.57
C LEU A 69 -5.31 1.62 3.93
N THR A 70 -6.46 0.93 3.79
CA THR A 70 -7.77 1.55 3.92
C THR A 70 -8.13 1.85 5.39
N SER A 71 -7.42 1.26 6.36
CA SER A 71 -7.73 1.42 7.77
C SER A 71 -6.77 2.42 8.42
N ARG A 72 -7.07 2.79 9.67
CA ARG A 72 -6.19 3.61 10.49
CA ARG A 72 -6.18 3.61 10.49
C ARG A 72 -5.33 2.75 11.43
N GLU A 73 -5.46 1.41 11.31
CA GLU A 73 -4.75 0.52 12.22
C GLU A 73 -3.43 0.07 11.60
N ALA A 74 -2.51 -0.38 12.46
CA ALA A 74 -1.14 -0.74 12.08
C ALA A 74 -1.11 -1.94 11.12
N ASP A 75 -1.96 -2.96 11.37
CA ASP A 75 -1.82 -4.21 10.62
C ASP A 75 -3.15 -4.97 10.47
N THR A 76 -4.28 -4.29 10.63
CA THR A 76 -5.58 -4.92 10.49
C THR A 76 -6.56 -3.95 9.85
N ILE A 77 -7.66 -4.51 9.37
CA ILE A 77 -8.77 -3.74 8.84
C ILE A 77 -10.08 -4.36 9.33
N SER A 78 -11.17 -3.58 9.26
CA SER A 78 -12.51 -4.11 9.12
CA SER A 78 -12.51 -4.12 9.12
C SER A 78 -12.81 -4.34 7.64
N LEU A 79 -13.70 -5.30 7.34
CA LEU A 79 -14.06 -5.53 5.95
C LEU A 79 -14.69 -4.28 5.35
N GLU A 80 -15.45 -3.51 6.15
CA GLU A 80 -16.12 -2.32 5.64
C GLU A 80 -15.11 -1.26 5.19
N ASP A 81 -13.94 -1.21 5.84
CA ASP A 81 -12.90 -0.25 5.49
C ASP A 81 -12.54 -0.32 4.00
N LEU A 82 -12.63 -1.52 3.41
CA LEU A 82 -12.24 -1.74 2.01
C LEU A 82 -13.11 -0.96 1.02
N LYS A 83 -14.21 -0.34 1.49
CA LYS A 83 -15.07 0.47 0.63
C LYS A 83 -14.37 1.78 0.24
N LEU A 84 -13.25 2.12 0.91
CA LEU A 84 -12.54 3.37 0.63
C LEU A 84 -12.30 3.52 -0.86
N HIS A 85 -12.93 4.54 -1.46
CA HIS A 85 -12.90 4.71 -2.90
C HIS A 85 -11.50 5.08 -3.37
N GLY A 86 -10.99 4.37 -4.38
CA GLY A 86 -9.75 4.72 -5.04
C GLY A 86 -8.51 4.02 -4.47
N THR A 87 -8.67 3.19 -3.41
CA THR A 87 -7.60 2.28 -3.04
C THR A 87 -7.74 1.03 -3.91
N ILE A 88 -8.63 0.12 -3.52
CA ILE A 88 -9.04 -0.97 -4.39
C ILE A 88 -10.42 -0.66 -4.97
N GLU A 89 -11.38 -0.28 -4.11
CA GLU A 89 -12.74 -0.03 -4.55
C GLU A 89 -12.75 0.94 -5.74
N HIS A 90 -13.56 0.61 -6.76
CA HIS A 90 -13.55 1.29 -8.04
C HIS A 90 -14.98 1.38 -8.57
N ASP A 91 -15.18 2.27 -9.55
CA ASP A 91 -16.40 2.37 -10.32
C ASP A 91 -16.55 1.16 -11.23
N ALA A 92 -17.75 0.98 -11.80
CA ALA A 92 -18.07 -0.11 -12.72
C ALA A 92 -17.84 -1.45 -12.04
N SER A 93 -18.28 -1.56 -10.78
CA SER A 93 -18.40 -2.83 -10.08
C SER A 93 -19.51 -3.68 -10.70
N LEU A 94 -19.44 -5.00 -10.47
CA LEU A 94 -20.38 -5.97 -11.01
C LEU A 94 -21.68 -5.98 -10.21
N SER A 95 -21.64 -5.56 -8.94
CA SER A 95 -22.74 -5.80 -8.01
C SER A 95 -22.96 -4.64 -7.04
N ARG A 96 -22.18 -3.56 -7.17
CA ARG A 96 -22.30 -2.37 -6.34
C ARG A 96 -22.45 -1.15 -7.27
N GLU A 97 -22.97 -0.04 -6.72
CA GLU A 97 -23.08 1.22 -7.45
C GLU A 97 -21.79 2.02 -7.29
N ASP A 98 -21.53 2.94 -8.23
CA ASP A 98 -20.44 3.91 -8.10
C ASP A 98 -20.70 4.84 -6.91
N VAL A 99 -19.65 5.15 -6.14
CA VAL A 99 -19.78 5.88 -4.90
C VAL A 99 -20.36 7.28 -5.11
N ALA A 100 -20.09 7.92 -6.26
CA ALA A 100 -20.56 9.26 -6.54
C ALA A 100 -22.08 9.31 -6.77
N ILE A 101 -22.70 8.20 -7.15
CA ILE A 101 -24.12 8.18 -7.52
C ILE A 101 -24.90 7.10 -6.75
N GLY A 102 -24.29 6.50 -5.73
CA GLY A 102 -25.00 5.55 -4.90
C GLY A 102 -24.06 4.84 -3.92
N ASP A 103 -24.49 3.64 -3.54
CA ASP A 103 -23.90 2.84 -2.48
C ASP A 103 -22.82 1.91 -3.08
N ASN A 104 -21.55 2.16 -2.69
CA ASN A 104 -20.42 1.44 -3.24
C ASN A 104 -20.08 0.22 -2.38
N LEU A 105 -20.93 -0.09 -1.38
CA LEU A 105 -20.60 -1.04 -0.33
C LEU A 105 -21.42 -2.33 -0.43
N HIS A 106 -22.75 -2.22 -0.54
CA HIS A 106 -23.66 -3.33 -0.42
C HIS A 106 -24.01 -3.94 -1.79
N PHE A 107 -24.29 -5.24 -1.82
CA PHE A 107 -24.87 -5.90 -2.97
C PHE A 107 -26.13 -5.16 -3.44
N ASN A 108 -26.24 -4.94 -4.76
CA ASN A 108 -27.37 -4.27 -5.39
C ASN A 108 -27.90 -5.12 -6.54
N GLU A 109 -29.14 -5.60 -6.44
CA GLU A 109 -29.66 -6.57 -7.40
C GLU A 109 -29.76 -5.96 -8.80
N ALA A 110 -30.22 -4.71 -8.90
CA ALA A 110 -30.40 -4.05 -10.19
C ALA A 110 -29.08 -3.92 -10.94
N ILE A 111 -27.98 -3.62 -10.24
CA ILE A 111 -26.66 -3.57 -10.86
C ILE A 111 -26.28 -4.98 -11.32
N PHE A 112 -26.53 -5.98 -10.46
CA PHE A 112 -26.12 -7.37 -10.69
C PHE A 112 -26.84 -7.99 -11.89
N THR A 113 -28.00 -7.43 -12.26
CA THR A 113 -28.78 -7.90 -13.41
C THR A 113 -27.91 -8.13 -14.66
N THR A 114 -26.99 -7.21 -14.96
CA THR A 114 -26.16 -7.30 -16.15
C THR A 114 -25.37 -8.61 -16.09
N LEU A 115 -24.69 -8.87 -14.96
CA LEU A 115 -23.95 -10.13 -14.79
C LEU A 115 -24.90 -11.33 -14.87
N ALA A 116 -26.01 -11.28 -14.12
CA ALA A 116 -26.97 -12.36 -14.02
C ALA A 116 -27.54 -12.76 -15.39
N ASN A 117 -27.69 -11.80 -16.31
CA ASN A 117 -28.26 -12.03 -17.63
C ASN A 117 -27.20 -12.34 -18.70
N SER A 118 -25.91 -12.33 -18.33
CA SER A 118 -24.82 -12.56 -19.28
C SER A 118 -24.76 -14.04 -19.70
N ASN A 119 -24.07 -14.30 -20.82
CA ASN A 119 -23.95 -15.63 -21.40
C ASN A 119 -25.31 -16.30 -21.55
N PRO A 120 -26.27 -15.67 -22.27
CA PRO A 120 -27.58 -16.28 -22.51
C PRO A 120 -27.44 -17.63 -23.20
N GLY A 121 -28.27 -18.59 -22.77
CA GLY A 121 -28.32 -19.89 -23.42
C GLY A 121 -27.30 -20.91 -22.90
N ALA A 122 -26.46 -20.52 -21.92
CA ALA A 122 -25.57 -21.44 -21.23
C ALA A 122 -25.90 -21.41 -19.75
N ASP A 123 -25.49 -22.43 -19.00
CA ASP A 123 -25.67 -22.46 -17.56
C ASP A 123 -24.37 -22.11 -16.85
N VAL A 124 -23.38 -21.58 -17.59
CA VAL A 124 -22.12 -21.10 -17.00
C VAL A 124 -21.89 -19.65 -17.40
N TYR A 125 -21.15 -18.91 -16.56
CA TYR A 125 -20.43 -17.71 -16.99
C TYR A 125 -19.03 -18.12 -17.43
N ASN A 126 -18.43 -17.39 -18.38
CA ASN A 126 -17.12 -17.75 -18.92
C ASN A 126 -16.35 -16.47 -19.28
N ILE A 127 -15.17 -16.62 -19.92
CA ILE A 127 -14.29 -15.48 -20.16
C ILE A 127 -14.96 -14.46 -21.09
N SER A 128 -15.68 -14.91 -22.13
CA SER A 128 -16.28 -13.97 -23.07
CA SER A 128 -16.29 -13.98 -23.08
C SER A 128 -17.46 -13.23 -22.44
N SER A 129 -18.29 -13.93 -21.65
CA SER A 129 -19.40 -13.29 -20.94
C SER A 129 -18.87 -12.29 -19.92
N ALA A 130 -17.83 -12.67 -19.17
CA ALA A 130 -17.23 -11.79 -18.17
C ALA A 130 -16.75 -10.49 -18.82
N ALA A 131 -16.16 -10.61 -20.03
CA ALA A 131 -15.63 -9.46 -20.76
C ALA A 131 -16.77 -8.56 -21.21
N GLN A 132 -17.85 -9.15 -21.74
CA GLN A 132 -19.01 -8.37 -22.15
C GLN A 132 -19.58 -7.60 -20.96
N VAL A 133 -19.73 -8.27 -19.81
CA VAL A 133 -20.25 -7.64 -18.61
C VAL A 133 -19.38 -6.43 -18.22
N GLN A 134 -18.06 -6.60 -18.23
CA GLN A 134 -17.17 -5.49 -17.89
C GLN A 134 -17.37 -4.33 -18.86
N HIS A 135 -17.43 -4.61 -20.17
CA HIS A 135 -17.65 -3.58 -21.17
C HIS A 135 -18.94 -2.80 -20.88
N ASP A 136 -20.01 -3.52 -20.55
CA ASP A 136 -21.34 -2.93 -20.36
C ASP A 136 -21.39 -2.13 -19.06
N ARG A 137 -20.75 -2.63 -18.00
CA ARG A 137 -20.74 -1.94 -16.71
C ARG A 137 -19.96 -0.62 -16.82
N LEU A 138 -18.80 -0.64 -17.52
CA LEU A 138 -18.05 0.59 -17.72
C LEU A 138 -18.87 1.58 -18.53
N ALA A 139 -19.58 1.09 -19.58
CA ALA A 139 -20.41 1.98 -20.38
C ALA A 139 -21.46 2.66 -19.50
N ASP A 140 -22.03 1.90 -18.57
CA ASP A 140 -23.06 2.41 -17.67
C ASP A 140 -22.49 3.55 -16.83
N SER A 141 -21.30 3.33 -16.24
CA SER A 141 -20.66 4.34 -15.42
C SER A 141 -20.30 5.59 -16.24
N VAL A 142 -19.81 5.40 -17.47
CA VAL A 142 -19.45 6.53 -18.31
C VAL A 142 -20.72 7.34 -18.66
N ALA A 143 -21.87 6.66 -18.79
CA ALA A 143 -23.12 7.31 -19.14
C ALA A 143 -23.69 8.07 -17.94
N ARG A 144 -23.64 7.48 -16.74
CA ARG A 144 -24.47 7.96 -15.63
C ARG A 144 -23.66 8.61 -14.52
N ASN A 145 -22.32 8.47 -14.50
CA ASN A 145 -21.53 8.92 -13.35
C ASN A 145 -20.60 10.05 -13.76
N PRO A 146 -20.92 11.33 -13.42
CA PRO A 146 -20.08 12.45 -13.82
C PRO A 146 -18.68 12.42 -13.22
N ASN A 147 -18.45 11.56 -12.22
CA ASN A 147 -17.16 11.45 -11.53
C ASN A 147 -16.45 10.14 -11.87
N VAL A 148 -16.89 9.41 -12.90
CA VAL A 148 -16.34 8.10 -13.25
C VAL A 148 -14.80 8.15 -13.34
N THR A 149 -14.14 7.15 -12.73
CA THR A 149 -12.72 6.90 -12.89
C THR A 149 -12.53 5.55 -13.58
N ASN A 150 -11.75 5.57 -14.67
CA ASN A 150 -11.46 4.41 -15.50
C ASN A 150 -9.99 4.49 -15.94
N THR A 151 -9.14 3.65 -15.35
CA THR A 151 -7.70 3.67 -15.59
C THR A 151 -7.26 2.26 -15.94
N ASP A 152 -6.02 2.10 -16.42
CA ASP A 152 -5.45 0.78 -16.66
C ASP A 152 -5.51 -0.02 -15.37
N LEU A 153 -5.27 0.65 -14.23
CA LEU A 153 -5.31 -0.02 -12.94
C LEU A 153 -6.73 -0.50 -12.60
N THR A 154 -7.73 0.39 -12.63
CA THR A 154 -9.10 -0.03 -12.34
C THR A 154 -9.54 -1.12 -13.30
N ALA A 155 -9.17 -1.04 -14.58
CA ALA A 155 -9.55 -2.06 -15.55
C ALA A 155 -8.92 -3.42 -15.20
N THR A 156 -7.68 -3.40 -14.71
CA THR A 156 -6.96 -4.63 -14.37
C THR A 156 -7.56 -5.28 -13.11
N ILE A 157 -7.87 -4.46 -12.11
CA ILE A 157 -8.52 -4.91 -10.89
C ILE A 157 -9.87 -5.55 -11.26
N ARG A 158 -10.61 -4.90 -12.17
CA ARG A 158 -11.92 -5.39 -12.55
C ARG A 158 -11.79 -6.77 -13.20
N SER A 159 -10.82 -6.94 -14.11
CA SER A 159 -10.57 -8.23 -14.75
C SER A 159 -10.13 -9.29 -13.73
N SER A 160 -9.32 -8.88 -12.73
CA SER A 160 -8.91 -9.77 -11.65
C SER A 160 -10.12 -10.30 -10.88
N GLU A 161 -11.06 -9.40 -10.59
CA GLU A 161 -12.21 -9.74 -9.80
C GLU A 161 -13.10 -10.69 -10.59
N SER A 162 -13.24 -10.46 -11.90
CA SER A 162 -14.01 -11.35 -12.75
C SER A 162 -13.35 -12.73 -12.80
N ALA A 163 -12.02 -12.75 -12.93
CA ALA A 163 -11.27 -14.00 -12.93
C ALA A 163 -11.46 -14.74 -11.60
N PHE A 164 -11.57 -13.99 -10.49
CA PHE A 164 -11.85 -14.60 -9.20
C PHE A 164 -13.18 -15.34 -9.20
N TYR A 165 -14.29 -14.73 -9.65
CA TYR A 165 -15.57 -15.43 -9.57
C TYR A 165 -15.59 -16.62 -10.52
N LEU A 166 -14.94 -16.52 -11.69
CA LEU A 166 -14.89 -17.63 -12.63
C LEU A 166 -14.09 -18.82 -12.08
N THR A 167 -13.07 -18.56 -11.23
CA THR A 167 -12.17 -19.60 -10.76
C THR A 167 -12.63 -20.17 -9.42
N VAL A 168 -12.91 -19.31 -8.44
CA VAL A 168 -13.20 -19.75 -7.09
C VAL A 168 -14.53 -20.51 -7.04
N MET A 169 -15.51 -20.10 -7.88
CA MET A 169 -16.83 -20.70 -7.89
C MET A 169 -16.95 -21.74 -9.02
N SER A 170 -15.81 -22.23 -9.51
CA SER A 170 -15.77 -23.21 -10.59
C SER A 170 -16.32 -24.56 -10.13
N ALA A 171 -16.75 -25.36 -11.09
CA ALA A 171 -17.11 -26.75 -10.86
C ALA A 171 -15.93 -27.63 -11.24
N GLY A 172 -15.40 -27.40 -12.44
CA GLY A 172 -14.24 -28.13 -12.94
C GLY A 172 -12.93 -27.43 -12.59
N ASP A 173 -11.89 -27.72 -13.37
CA ASP A 173 -10.60 -27.09 -13.17
C ASP A 173 -10.84 -25.58 -13.31
N PRO A 174 -10.39 -24.78 -12.33
CA PRO A 174 -10.45 -23.31 -12.47
C PRO A 174 -9.71 -22.82 -13.71
N LEU A 175 -8.75 -23.61 -14.24
CA LEU A 175 -8.09 -23.34 -15.52
C LEU A 175 -9.07 -23.01 -16.64
N ARG A 176 -10.23 -23.66 -16.66
CA ARG A 176 -11.18 -23.54 -17.77
C ARG A 176 -11.79 -22.14 -17.83
N GLY A 177 -11.70 -21.37 -16.74
CA GLY A 177 -12.26 -20.01 -16.73
C GLY A 177 -13.77 -20.00 -16.98
N GLU A 178 -14.49 -20.91 -16.31
CA GLU A 178 -15.94 -20.93 -16.36
C GLU A 178 -16.47 -21.46 -15.03
N ALA A 179 -17.65 -20.94 -14.63
CA ALA A 179 -18.27 -21.26 -13.36
C ALA A 179 -19.77 -21.38 -13.55
N PRO A 180 -20.46 -22.37 -12.95
CA PRO A 180 -21.93 -22.44 -13.00
C PRO A 180 -22.58 -21.14 -12.52
N LYS A 181 -23.59 -20.68 -13.26
CA LYS A 181 -24.35 -19.50 -12.87
C LYS A 181 -24.94 -19.68 -11.48
N LYS A 182 -25.42 -20.89 -11.17
CA LYS A 182 -26.12 -21.11 -9.91
C LYS A 182 -25.14 -20.94 -8.74
N PHE A 183 -23.85 -21.27 -8.93
CA PHE A 183 -22.83 -21.04 -7.92
C PHE A 183 -22.48 -19.55 -7.80
N VAL A 184 -22.20 -18.89 -8.94
CA VAL A 184 -21.78 -17.48 -8.92
C VAL A 184 -22.90 -16.60 -8.36
N ASN A 185 -24.15 -16.91 -8.69
CA ASN A 185 -25.29 -16.12 -8.25
C ASN A 185 -25.43 -16.16 -6.73
N VAL A 186 -25.26 -17.35 -6.13
CA VAL A 186 -25.34 -17.49 -4.69
C VAL A 186 -24.19 -16.72 -4.05
N PHE A 187 -23.00 -16.87 -4.63
CA PHE A 187 -21.80 -16.19 -4.17
C PHE A 187 -22.04 -14.68 -4.03
N PHE A 188 -22.56 -14.04 -5.07
CA PHE A 188 -22.82 -12.60 -5.05
C PHE A 188 -24.05 -12.24 -4.20
N GLN A 189 -25.18 -12.93 -4.41
CA GLN A 189 -26.46 -12.53 -3.86
C GLN A 189 -26.55 -12.84 -2.36
N GLU A 190 -25.95 -13.95 -1.92
CA GLU A 190 -26.06 -14.35 -0.53
C GLU A 190 -24.70 -14.33 0.17
N GLU A 191 -23.60 -14.15 -0.58
CA GLU A 191 -22.25 -14.23 -0.02
C GLU A 191 -22.13 -15.49 0.82
N ARG A 192 -22.44 -16.61 0.15
CA ARG A 192 -22.47 -17.95 0.71
C ARG A 192 -21.73 -18.88 -0.26
N MET A 193 -21.01 -19.85 0.29
CA MET A 193 -20.44 -20.94 -0.50
C MET A 193 -21.59 -21.88 -0.87
N PRO A 194 -21.84 -22.13 -2.17
CA PRO A 194 -23.01 -22.92 -2.57
C PRO A 194 -22.84 -24.43 -2.39
N ILE A 195 -22.62 -24.85 -1.14
CA ILE A 195 -22.29 -26.22 -0.78
C ILE A 195 -23.49 -27.13 -1.10
N LYS A 196 -24.66 -26.78 -0.53
CA LYS A 196 -25.95 -27.39 -0.80
C LYS A 196 -26.16 -27.63 -2.30
N GLU A 197 -25.74 -26.64 -3.12
CA GLU A 197 -26.01 -26.66 -4.56
C GLU A 197 -24.98 -27.50 -5.31
N GLY A 198 -23.92 -27.96 -4.64
CA GLY A 198 -22.95 -28.89 -5.22
C GLY A 198 -21.53 -28.33 -5.36
N TRP A 199 -21.26 -27.11 -4.87
CA TRP A 199 -19.94 -26.50 -5.02
C TRP A 199 -18.96 -27.13 -4.05
N LYS A 200 -17.71 -27.35 -4.49
CA LYS A 200 -16.61 -27.77 -3.65
C LYS A 200 -15.39 -26.88 -3.91
N ARG A 201 -14.64 -26.55 -2.85
CA ARG A 201 -13.34 -25.92 -2.95
C ARG A 201 -12.53 -26.57 -4.07
N SER A 202 -11.93 -25.74 -4.93
CA SER A 202 -11.04 -26.19 -5.99
C SER A 202 -9.94 -27.06 -5.41
N THR A 203 -9.61 -28.15 -6.11
CA THR A 203 -8.47 -28.98 -5.75
C THR A 203 -7.20 -28.51 -6.47
N THR A 204 -7.37 -27.55 -7.42
CA THR A 204 -6.26 -26.90 -8.10
C THR A 204 -5.95 -25.55 -7.44
N PRO A 205 -4.68 -25.27 -7.11
CA PRO A 205 -4.30 -24.00 -6.51
C PRO A 205 -4.63 -22.86 -7.47
N ILE A 206 -5.26 -21.81 -6.96
CA ILE A 206 -5.53 -20.60 -7.72
C ILE A 206 -4.52 -19.53 -7.31
N ASN A 207 -3.60 -19.21 -8.23
CA ASN A 207 -2.47 -18.32 -7.97
C ASN A 207 -2.32 -17.37 -9.18
N LEU A 208 -1.29 -16.51 -9.15
CA LEU A 208 -1.11 -15.52 -10.21
C LEU A 208 -0.80 -16.17 -11.54
N PRO A 209 0.10 -17.18 -11.64
CA PRO A 209 0.27 -17.91 -12.90
C PRO A 209 -1.04 -18.41 -13.54
N LEU A 210 -1.99 -18.92 -12.74
CA LEU A 210 -3.26 -19.42 -13.25
C LEU A 210 -4.15 -18.25 -13.68
N LEU A 211 -4.23 -17.21 -12.86
CA LEU A 211 -5.15 -16.11 -13.07
C LEU A 211 -4.72 -15.21 -14.23
N GLY A 212 -3.39 -15.01 -14.37
CA GLY A 212 -2.81 -14.05 -15.32
C GLY A 212 -3.42 -14.10 -16.72
N PRO A 213 -3.34 -15.23 -17.43
CA PRO A 213 -3.86 -15.33 -18.79
C PRO A 213 -5.39 -15.19 -18.88
N ILE A 214 -6.12 -15.58 -17.83
CA ILE A 214 -7.55 -15.38 -17.75
C ILE A 214 -7.84 -13.87 -17.68
N ILE A 215 -7.14 -13.16 -16.77
CA ILE A 215 -7.27 -11.72 -16.60
C ILE A 215 -7.03 -11.00 -17.94
N ASP A 216 -5.94 -11.37 -18.62
CA ASP A 216 -5.50 -10.70 -19.84
C ASP A 216 -6.51 -10.94 -20.96
N ARG A 217 -7.05 -12.15 -21.03
CA ARG A 217 -8.03 -12.51 -22.04
C ARG A 217 -9.35 -11.76 -21.80
N ILE A 218 -9.80 -11.64 -20.54
CA ILE A 218 -10.99 -10.87 -20.22
C ILE A 218 -10.79 -9.43 -20.67
N THR A 219 -9.64 -8.84 -20.31
CA THR A 219 -9.36 -7.47 -20.71
C THR A 219 -9.43 -7.34 -22.23
N GLU A 220 -8.76 -8.26 -22.93
CA GLU A 220 -8.68 -8.19 -24.39
C GLU A 220 -10.06 -8.27 -25.03
N LEU A 221 -10.92 -9.18 -24.55
CA LEU A 221 -12.25 -9.36 -25.13
C LEU A 221 -13.18 -8.18 -24.75
N SER A 222 -12.84 -7.43 -23.70
CA SER A 222 -13.72 -6.39 -23.16
C SER A 222 -13.70 -5.12 -24.03
N ASP A 223 -12.81 -5.07 -25.04
CA ASP A 223 -12.65 -3.93 -25.92
CA ASP A 223 -12.66 -3.92 -25.92
C ASP A 223 -12.48 -2.67 -25.07
N TRP A 224 -11.49 -2.72 -24.16
CA TRP A 224 -11.24 -1.62 -23.23
C TRP A 224 -10.32 -0.61 -23.88
N LYS A 225 -10.53 0.66 -23.53
CA LYS A 225 -9.58 1.67 -23.94
C LYS A 225 -9.60 2.80 -22.93
N PRO A 226 -8.49 3.55 -22.81
CA PRO A 226 -8.44 4.66 -21.85
C PRO A 226 -9.37 5.80 -22.27
N THR A 227 -9.86 6.57 -21.30
CA THR A 227 -10.98 7.47 -21.53
C THR A 227 -10.67 8.87 -21.01
N GLY A 228 -9.64 9.00 -20.18
CA GLY A 228 -9.23 10.29 -19.65
C GLY A 228 -7.91 10.13 -18.91
N ASP A 229 -7.90 10.54 -17.63
CA ASP A 229 -6.80 10.29 -16.73
C ASP A 229 -6.56 8.78 -16.67
N ASN A 230 -5.37 8.36 -17.08
CA ASN A 230 -4.97 6.97 -17.03
C ASN A 230 -3.90 6.79 -15.95
N CYS A 231 -3.87 7.72 -14.96
CA CYS A 231 -2.92 7.65 -13.84
C CYS A 231 -3.40 6.60 -12.85
N GLY A 232 -2.62 5.53 -12.71
CA GLY A 232 -2.97 4.43 -11.82
C GLY A 232 -2.58 4.68 -10.36
N ALA A 233 -2.88 5.90 -9.86
CA ALA A 233 -2.60 6.30 -8.49
C ALA A 233 -3.66 5.74 -7.54
N ILE A 234 -3.22 5.10 -6.46
CA ILE A 234 -4.15 4.62 -5.43
C ILE A 234 -4.16 5.64 -4.30
N VAL A 235 -5.28 5.66 -3.57
CA VAL A 235 -5.42 6.38 -2.32
C VAL A 235 -4.62 5.60 -1.26
N LEU A 236 -3.73 6.31 -0.53
CA LEU A 236 -2.71 5.67 0.30
C LEU A 236 -3.18 5.48 1.74
N GLY A 237 -4.30 6.08 2.11
CA GLY A 237 -4.83 5.95 3.46
C GLY A 237 -6.14 6.72 3.61
N PRO A 238 -6.92 6.51 4.68
CA PRO A 238 -8.19 7.23 4.83
C PRO A 238 -7.91 8.63 5.37
N GLY A 239 -8.88 9.53 5.24
CA GLY A 239 -8.82 10.81 5.92
C GLY A 239 -7.79 11.77 5.35
N LEU A 240 -7.31 11.52 4.11
CA LEU A 240 -6.42 12.45 3.45
C LEU A 240 -7.31 13.28 2.51
N ALA B 1 9.64 6.87 28.85
CA ALA B 1 10.52 6.12 29.79
C ALA B 1 11.31 5.04 29.03
N VAL B 2 12.51 5.39 28.55
CA VAL B 2 13.36 4.49 27.76
C VAL B 2 14.80 4.66 28.25
N ASP B 3 15.52 3.53 28.39
CA ASP B 3 16.95 3.55 28.69
C ASP B 3 17.77 3.30 27.42
N PHE B 4 18.51 4.36 27.00
CA PHE B 4 19.30 4.31 25.78
C PHE B 4 20.64 3.62 26.01
N SER B 5 21.10 3.52 27.27
CA SER B 5 22.25 2.71 27.62
C SER B 5 22.04 1.24 27.25
N ALA B 6 20.77 0.79 27.30
CA ALA B 6 20.39 -0.56 26.89
C ALA B 6 20.30 -0.68 25.36
N HIS B 7 20.45 0.44 24.63
CA HIS B 7 20.32 0.48 23.18
C HIS B 7 21.56 1.13 22.57
N PRO B 8 22.74 0.49 22.73
CA PRO B 8 23.99 1.00 22.14
C PRO B 8 24.03 0.87 20.63
N TRP B 9 24.73 1.81 19.98
CA TRP B 9 25.01 1.71 18.55
C TRP B 9 25.97 0.55 18.31
N LYS B 10 25.70 -0.27 17.29
CA LYS B 10 26.64 -1.24 16.77
C LYS B 10 26.59 -1.19 15.25
N ALA B 11 27.78 -1.21 14.62
CA ALA B 11 27.89 -1.26 13.16
C ALA B 11 27.11 -2.46 12.65
N PRO B 12 26.35 -2.33 11.53
CA PRO B 12 25.72 -3.50 10.93
C PRO B 12 26.77 -4.48 10.44
N GLY B 13 26.55 -5.78 10.69
CA GLY B 13 27.39 -6.84 10.17
C GLY B 13 27.07 -7.13 8.70
N PRO B 14 27.74 -8.14 8.09
CA PRO B 14 27.66 -8.34 6.64
C PRO B 14 26.30 -8.82 6.16
N ASN B 15 25.53 -9.48 7.03
CA ASN B 15 24.23 -10.03 6.66
C ASN B 15 23.11 -9.23 7.34
N ASP B 16 23.42 -8.04 7.89
CA ASP B 16 22.40 -7.18 8.47
C ASP B 16 21.76 -6.37 7.35
N SER B 17 20.42 -6.51 7.20
CA SER B 17 19.69 -5.82 6.15
C SER B 17 19.54 -4.34 6.51
N ARG B 18 19.99 -3.46 5.62
CA ARG B 18 19.82 -2.02 5.80
C ARG B 18 19.23 -1.47 4.51
N GLY B 19 18.52 -0.34 4.62
CA GLY B 19 17.75 0.21 3.52
C GLY B 19 18.19 1.63 3.15
N PRO B 20 17.36 2.33 2.34
CA PRO B 20 17.64 3.72 1.96
C PRO B 20 17.23 4.75 3.02
N CYS B 21 16.68 4.29 4.13
CA CYS B 21 16.12 5.19 5.13
C CYS B 21 17.04 5.32 6.34
N PRO B 22 17.64 6.48 6.60
CA PRO B 22 18.49 6.64 7.78
C PRO B 22 17.74 6.54 9.11
N GLY B 23 16.44 6.87 9.09
CA GLY B 23 15.63 6.78 10.29
C GLY B 23 15.49 5.34 10.79
N LEU B 24 15.07 4.43 9.90
CA LEU B 24 14.90 3.02 10.26
C LEU B 24 16.26 2.34 10.47
N ASN B 25 17.26 2.69 9.65
CA ASN B 25 18.58 2.10 9.78
C ASN B 25 19.15 2.41 11.18
N THR B 26 19.00 3.67 11.62
CA THR B 26 19.54 4.11 12.90
C THR B 26 18.85 3.33 14.03
N LEU B 27 17.53 3.13 13.95
CA LEU B 27 16.79 2.36 14.95
C LEU B 27 17.32 0.92 15.03
N ALA B 28 17.59 0.31 13.88
CA ALA B 28 18.13 -1.03 13.81
C ALA B 28 19.51 -1.06 14.45
N ASN B 29 20.34 -0.05 14.15
CA ASN B 29 21.72 0.01 14.63
C ASN B 29 21.78 0.20 16.14
N HIS B 30 20.64 0.57 16.77
CA HIS B 30 20.52 0.71 18.21
C HIS B 30 19.64 -0.39 18.82
N GLY B 31 19.19 -1.34 17.99
CA GLY B 31 18.38 -2.45 18.49
C GLY B 31 16.95 -2.06 18.88
N PHE B 32 16.50 -0.84 18.55
CA PHE B 32 15.10 -0.48 18.70
C PHE B 32 14.24 -1.27 17.72
N LEU B 33 14.79 -1.50 16.52
CA LEU B 33 14.37 -2.56 15.62
C LEU B 33 15.43 -3.68 15.65
N PRO B 34 15.10 -4.91 15.20
CA PRO B 34 16.09 -5.99 15.13
C PRO B 34 17.36 -5.53 14.41
N ARG B 35 18.51 -5.84 15.00
CA ARG B 35 19.80 -5.43 14.45
C ARG B 35 20.01 -6.06 13.08
N ASN B 36 19.38 -7.21 12.83
CA ASN B 36 19.55 -7.90 11.56
C ASN B 36 18.71 -7.27 10.47
N GLY B 37 17.82 -6.34 10.84
CA GLY B 37 17.03 -5.58 9.88
C GLY B 37 15.96 -6.42 9.16
N ARG B 38 15.54 -7.55 9.76
CA ARG B 38 14.65 -8.46 9.06
CA ARG B 38 14.64 -8.46 9.06
C ARG B 38 13.37 -8.71 9.85
N ASN B 39 12.33 -9.14 9.11
CA ASN B 39 11.07 -9.54 9.66
C ASN B 39 10.52 -8.39 10.53
N ILE B 40 10.50 -7.18 9.95
CA ILE B 40 10.05 -5.98 10.64
C ILE B 40 8.61 -5.64 10.22
N SER B 41 7.74 -5.47 11.22
CA SER B 41 6.33 -5.19 11.03
C SER B 41 6.04 -3.70 11.28
N VAL B 42 4.83 -3.26 10.94
CA VAL B 42 4.42 -1.90 11.23
C VAL B 42 4.35 -1.71 12.74
N PRO B 43 3.76 -2.62 13.56
CA PRO B 43 3.79 -2.44 15.01
C PRO B 43 5.20 -2.25 15.57
N MET B 44 6.18 -2.99 15.05
CA MET B 44 7.55 -2.86 15.50
C MET B 44 8.11 -1.48 15.18
N ILE B 45 7.80 -0.97 13.97
CA ILE B 45 8.21 0.36 13.53
C ILE B 45 7.56 1.43 14.40
N VAL B 46 6.26 1.27 14.68
CA VAL B 46 5.56 2.23 15.53
C VAL B 46 6.25 2.33 16.89
N LYS B 47 6.51 1.18 17.51
CA LYS B 47 7.06 1.14 18.87
C LYS B 47 8.48 1.71 18.85
N ALA B 48 9.28 1.30 17.86
CA ALA B 48 10.67 1.72 17.73
C ALA B 48 10.78 3.22 17.50
N GLY B 49 9.95 3.75 16.59
CA GLY B 49 9.93 5.18 16.29
C GLY B 49 9.53 6.00 17.52
N PHE B 50 8.60 5.48 18.33
CA PHE B 50 8.19 6.14 19.56
C PHE B 50 9.34 6.18 20.56
N GLU B 51 9.90 5.00 20.85
CA GLU B 51 10.94 4.82 21.86
C GLU B 51 12.20 5.61 21.50
N GLY B 52 12.65 5.51 20.24
CA GLY B 52 13.88 6.12 19.81
C GLY B 52 13.77 7.63 19.60
N TYR B 53 12.66 8.10 19.03
CA TYR B 53 12.61 9.45 18.45
C TYR B 53 11.41 10.28 18.94
N ASN B 54 10.47 9.63 19.64
CA ASN B 54 9.18 10.22 20.01
C ASN B 54 8.36 10.59 18.76
N VAL B 55 8.50 9.78 17.69
CA VAL B 55 7.65 9.91 16.51
C VAL B 55 6.40 9.07 16.75
N GLN B 56 5.23 9.64 16.46
CA GLN B 56 3.94 9.06 16.84
C GLN B 56 3.41 8.11 15.77
N SER B 57 2.33 7.40 16.12
CA SER B 57 1.81 6.32 15.28
C SER B 57 1.15 6.85 14.02
N ASP B 58 0.67 8.11 14.01
CA ASP B 58 -0.08 8.64 12.87
C ASP B 58 0.78 8.51 11.60
N ILE B 59 2.02 9.03 11.63
CA ILE B 59 2.88 9.01 10.46
C ILE B 59 3.45 7.61 10.23
N LEU B 60 3.75 6.88 11.31
CA LEU B 60 4.44 5.60 11.18
C LEU B 60 3.50 4.50 10.68
N ILE B 61 2.21 4.58 11.00
CA ILE B 61 1.24 3.63 10.46
C ILE B 61 1.05 3.87 8.97
N LEU B 62 0.91 5.15 8.59
CA LEU B 62 0.70 5.54 7.20
C LEU B 62 1.90 5.14 6.33
N ALA B 63 3.11 5.58 6.72
CA ALA B 63 4.34 5.26 6.00
C ALA B 63 4.64 3.77 6.06
N GLY B 64 4.44 3.20 7.24
CA GLY B 64 4.72 1.80 7.52
C GLY B 64 3.99 0.86 6.56
N LYS B 65 2.68 1.07 6.40
CA LYS B 65 1.87 0.18 5.57
C LYS B 65 2.21 0.36 4.08
N VAL B 66 2.58 1.57 3.64
CA VAL B 66 3.06 1.75 2.28
C VAL B 66 4.38 0.98 2.09
N GLY B 67 5.25 1.03 3.10
CA GLY B 67 6.53 0.32 3.04
C GLY B 67 6.38 -1.20 3.00
N MET B 68 5.34 -1.71 3.66
CA MET B 68 5.09 -3.15 3.65
C MET B 68 4.90 -3.66 2.22
N LEU B 69 4.45 -2.79 1.28
CA LEU B 69 4.20 -3.20 -0.09
C LEU B 69 5.48 -3.68 -0.77
N THR B 70 6.65 -3.25 -0.30
CA THR B 70 7.90 -3.49 -1.00
C THR B 70 8.39 -4.94 -0.84
N SER B 71 7.84 -5.70 0.12
CA SER B 71 8.25 -7.09 0.35
C SER B 71 7.28 -8.07 -0.30
N ARG B 72 7.68 -9.35 -0.32
CA ARG B 72 6.84 -10.46 -0.75
C ARG B 72 6.16 -11.12 0.45
N GLU B 73 6.35 -10.59 1.66
CA GLU B 73 5.84 -11.22 2.87
C GLU B 73 4.50 -10.58 3.27
N ALA B 74 3.71 -11.32 4.06
CA ALA B 74 2.35 -10.93 4.44
C ALA B 74 2.32 -9.65 5.28
N ASP B 75 3.27 -9.48 6.23
CA ASP B 75 3.17 -8.39 7.18
C ASP B 75 4.52 -7.93 7.75
N THR B 76 5.61 -8.24 7.03
CA THR B 76 6.94 -7.77 7.41
C THR B 76 7.73 -7.39 6.17
N ILE B 77 8.85 -6.69 6.41
CA ILE B 77 9.82 -6.40 5.38
C ILE B 77 11.23 -6.60 5.96
N SER B 78 12.21 -6.75 5.07
CA SER B 78 13.60 -6.43 5.41
CA SER B 78 13.60 -6.44 5.41
C SER B 78 13.84 -4.96 5.07
N LEU B 79 14.70 -4.27 5.83
CA LEU B 79 14.93 -2.85 5.59
C LEU B 79 15.39 -2.62 4.14
N GLU B 80 16.15 -3.57 3.56
CA GLU B 80 16.64 -3.41 2.20
C GLU B 80 15.49 -3.39 1.19
N ASP B 81 14.38 -4.07 1.50
CA ASP B 81 13.23 -4.10 0.60
C ASP B 81 12.75 -2.68 0.25
N LEU B 82 12.90 -1.73 1.19
CA LEU B 82 12.42 -0.36 1.01
C LEU B 82 13.10 0.39 -0.14
N LYS B 83 14.17 -0.19 -0.72
CA LYS B 83 14.85 0.41 -1.86
C LYS B 83 13.99 0.32 -3.13
N LEU B 84 12.90 -0.47 -3.09
CA LEU B 84 12.07 -0.65 -4.29
C LEU B 84 11.68 0.71 -4.86
N HIS B 85 12.15 0.99 -6.07
CA HIS B 85 11.95 2.29 -6.69
C HIS B 85 10.47 2.51 -7.03
N GLY B 86 9.92 3.66 -6.58
CA GLY B 86 8.60 4.09 -7.00
C GLY B 86 7.50 3.70 -6.02
N THR B 87 7.83 3.00 -4.92
CA THR B 87 6.90 2.85 -3.82
C THR B 87 7.05 4.08 -2.94
N ILE B 88 8.05 4.07 -2.05
CA ILE B 88 8.45 5.26 -1.33
C ILE B 88 9.73 5.81 -1.95
N GLU B 89 10.74 4.93 -2.15
CA GLU B 89 12.04 5.36 -2.67
C GLU B 89 11.85 6.16 -3.96
N HIS B 90 12.59 7.27 -4.05
CA HIS B 90 12.41 8.29 -5.07
C HIS B 90 13.76 8.85 -5.51
N ASP B 91 13.76 9.49 -6.68
CA ASP B 91 14.88 10.28 -7.18
C ASP B 91 15.06 11.54 -6.31
N ALA B 92 16.21 12.21 -6.47
CA ALA B 92 16.55 13.41 -5.72
C ALA B 92 16.50 13.17 -4.21
N SER B 93 17.11 12.05 -3.79
CA SER B 93 17.38 11.80 -2.38
C SER B 93 18.49 12.73 -1.90
N LEU B 94 18.57 12.91 -0.58
CA LEU B 94 19.55 13.75 0.09
C LEU B 94 20.91 13.06 0.20
N SER B 95 20.93 11.72 0.21
CA SER B 95 22.16 10.99 0.56
C SER B 95 22.37 9.73 -0.28
N ARG B 96 21.49 9.47 -1.25
CA ARG B 96 21.55 8.33 -2.15
C ARG B 96 21.48 8.85 -3.59
N GLU B 97 21.91 8.03 -4.56
CA GLU B 97 21.84 8.35 -5.99
C GLU B 97 20.50 7.88 -6.55
N ASP B 98 20.08 8.46 -7.69
CA ASP B 98 18.93 7.97 -8.44
C ASP B 98 19.21 6.58 -9.00
N VAL B 99 18.20 5.69 -8.94
CA VAL B 99 18.38 4.29 -9.28
C VAL B 99 18.77 4.13 -10.76
N ALA B 100 18.35 5.04 -11.65
CA ALA B 100 18.62 4.91 -13.07
C ALA B 100 20.08 5.19 -13.39
N ILE B 101 20.80 5.90 -12.51
CA ILE B 101 22.18 6.33 -12.78
C ILE B 101 23.11 5.95 -11.62
N GLY B 102 22.67 5.09 -10.69
CA GLY B 102 23.53 4.65 -9.62
C GLY B 102 22.79 3.91 -8.51
N ASP B 103 23.37 3.98 -7.31
CA ASP B 103 23.00 3.19 -6.15
C ASP B 103 21.97 3.98 -5.31
N ASN B 104 20.73 3.48 -5.26
CA ASN B 104 19.62 4.16 -4.59
C ASN B 104 19.48 3.66 -3.14
N LEU B 105 20.47 2.87 -2.66
CA LEU B 105 20.34 2.13 -1.41
C LEU B 105 21.27 2.69 -0.32
N HIS B 106 22.57 2.85 -0.63
CA HIS B 106 23.59 3.13 0.37
C HIS B 106 23.84 4.65 0.49
N PHE B 107 24.24 5.08 1.70
CA PHE B 107 24.77 6.41 1.91
C PHE B 107 25.91 6.68 0.92
N ASN B 108 25.88 7.88 0.32
CA ASN B 108 26.87 8.33 -0.65
C ASN B 108 27.36 9.72 -0.25
N GLU B 109 28.64 9.85 0.10
CA GLU B 109 29.16 11.11 0.64
C GLU B 109 29.06 12.25 -0.39
N ALA B 110 29.38 11.98 -1.66
CA ALA B 110 29.34 13.00 -2.70
C ALA B 110 27.94 13.59 -2.88
N ILE B 111 26.90 12.75 -2.81
CA ILE B 111 25.52 13.24 -2.87
C ILE B 111 25.24 14.09 -1.63
N PHE B 112 25.67 13.60 -0.45
CA PHE B 112 25.39 14.22 0.84
C PHE B 112 26.06 15.59 0.98
N THR B 113 27.12 15.85 0.19
CA THR B 113 27.85 17.11 0.18
C THR B 113 26.91 18.31 0.11
N THR B 114 25.86 18.25 -0.73
CA THR B 114 24.96 19.38 -0.90
C THR B 114 24.31 19.71 0.44
N LEU B 115 23.78 18.69 1.13
CA LEU B 115 23.19 18.89 2.44
C LEU B 115 24.25 19.38 3.45
N ALA B 116 25.41 18.71 3.48
CA ALA B 116 26.49 18.99 4.41
C ALA B 116 26.98 20.44 4.31
N ASN B 117 26.94 21.02 3.09
CA ASN B 117 27.41 22.38 2.83
C ASN B 117 26.30 23.43 2.96
N SER B 118 25.04 23.00 3.20
CA SER B 118 23.91 23.91 3.25
C SER B 118 23.95 24.77 4.53
N ASN B 119 23.21 25.87 4.52
CA ASN B 119 23.16 26.83 5.61
C ASN B 119 24.57 27.24 6.05
N PRO B 120 25.41 27.76 5.14
CA PRO B 120 26.75 28.22 5.50
C PRO B 120 26.70 29.28 6.60
N GLY B 121 27.61 29.19 7.57
CA GLY B 121 27.76 30.21 8.60
C GLY B 121 26.84 30.05 9.81
N ALA B 122 25.96 29.02 9.80
CA ALA B 122 25.23 28.61 10.99
C ALA B 122 25.72 27.22 11.39
N ASP B 123 25.47 26.83 12.64
CA ASP B 123 25.81 25.48 13.07
C ASP B 123 24.54 24.61 13.13
N VAL B 124 23.45 25.09 12.51
CA VAL B 124 22.22 24.32 12.38
C VAL B 124 21.83 24.22 10.90
N TYR B 125 21.07 23.17 10.55
CA TYR B 125 20.24 23.16 9.35
C TYR B 125 18.83 23.63 9.76
N ASN B 126 18.10 24.29 8.85
CA ASN B 126 16.78 24.84 9.16
C ASN B 126 15.87 24.74 7.93
N ILE B 127 14.66 25.33 8.00
CA ILE B 127 13.66 25.15 6.94
C ILE B 127 14.16 25.74 5.62
N SER B 128 14.83 26.91 5.65
CA SER B 128 15.26 27.54 4.40
CA SER B 128 15.35 27.60 4.48
C SER B 128 16.42 26.77 3.77
N SER B 129 17.38 26.29 4.57
CA SER B 129 18.47 25.47 4.05
C SER B 129 17.93 24.16 3.49
N ALA B 130 16.98 23.51 4.21
CA ALA B 130 16.40 22.25 3.76
C ALA B 130 15.74 22.42 2.39
N ALA B 131 15.05 23.55 2.20
CA ALA B 131 14.36 23.86 0.96
C ALA B 131 15.38 24.06 -0.17
N GLN B 132 16.45 24.81 0.09
CA GLN B 132 17.48 25.04 -0.92
C GLN B 132 18.09 23.71 -1.34
N VAL B 133 18.40 22.84 -0.37
CA VAL B 133 18.97 21.52 -0.64
C VAL B 133 18.04 20.75 -1.57
N GLN B 134 16.73 20.74 -1.25
CA GLN B 134 15.77 20.02 -2.08
C GLN B 134 15.77 20.57 -3.49
N HIS B 135 15.75 21.91 -3.64
CA HIS B 135 15.79 22.54 -4.96
C HIS B 135 17.01 22.05 -5.76
N ASP B 136 18.18 22.06 -5.12
CA ASP B 136 19.44 21.75 -5.76
C ASP B 136 19.53 20.26 -6.12
N ARG B 137 19.01 19.39 -5.23
CA ARG B 137 19.04 17.96 -5.47
C ARG B 137 18.14 17.61 -6.67
N LEU B 138 16.95 18.21 -6.74
CA LEU B 138 16.04 17.99 -7.85
C LEU B 138 16.68 18.48 -9.14
N ALA B 139 17.31 19.66 -9.11
CA ALA B 139 17.95 20.21 -10.30
C ALA B 139 19.02 19.25 -10.79
N ASP B 140 19.76 18.63 -9.87
CA ASP B 140 20.82 17.69 -10.22
C ASP B 140 20.20 16.51 -10.97
N SER B 141 19.13 15.93 -10.41
CA SER B 141 18.44 14.80 -11.03
C SER B 141 17.88 15.18 -12.41
N VAL B 142 17.29 16.36 -12.53
CA VAL B 142 16.71 16.80 -13.79
C VAL B 142 17.82 16.97 -14.83
N ALA B 143 19.01 17.39 -14.39
CA ALA B 143 20.13 17.60 -15.30
C ALA B 143 20.76 16.27 -15.75
N ARG B 144 20.90 15.29 -14.83
CA ARG B 144 21.74 14.13 -15.09
C ARG B 144 20.94 12.83 -15.28
N ASN B 145 19.64 12.81 -14.94
CA ASN B 145 18.85 11.59 -15.00
C ASN B 145 17.69 11.78 -15.98
N PRO B 146 17.79 11.32 -17.25
CA PRO B 146 16.69 11.46 -18.20
C PRO B 146 15.41 10.75 -17.79
N ASN B 147 15.51 9.83 -16.82
CA ASN B 147 14.35 9.05 -16.39
C ASN B 147 13.79 9.57 -15.05
N VAL B 148 14.13 10.81 -14.69
CA VAL B 148 13.75 11.36 -13.39
C VAL B 148 12.22 11.32 -13.24
N THR B 149 11.77 10.88 -12.06
CA THR B 149 10.39 11.01 -11.64
C THR B 149 10.29 12.04 -10.51
N ASN B 150 9.45 13.05 -10.75
CA ASN B 150 9.25 14.19 -9.87
C ASN B 150 7.78 14.61 -9.93
N THR B 151 7.03 14.28 -8.87
CA THR B 151 5.58 14.40 -8.83
C THR B 151 5.19 15.10 -7.54
N ASP B 152 3.91 15.50 -7.40
CA ASP B 152 3.40 16.05 -6.15
C ASP B 152 3.70 15.07 -5.01
N LEU B 153 3.56 13.76 -5.30
CA LEU B 153 3.79 12.73 -4.30
C LEU B 153 5.27 12.67 -3.91
N THR B 154 6.18 12.54 -4.89
CA THR B 154 7.59 12.44 -4.56
C THR B 154 8.04 13.72 -3.85
N ALA B 155 7.54 14.89 -4.28
CA ALA B 155 7.89 16.15 -3.63
C ALA B 155 7.44 16.18 -2.18
N THR B 156 6.24 15.62 -1.89
CA THR B 156 5.71 15.60 -0.53
C THR B 156 6.53 14.69 0.39
N ILE B 157 6.87 13.50 -0.12
CA ILE B 157 7.71 12.54 0.60
C ILE B 157 9.05 13.20 0.91
N ARG B 158 9.62 13.89 -0.08
CA ARG B 158 10.94 14.51 0.07
C ARG B 158 10.92 15.56 1.18
N SER B 159 9.88 16.41 1.18
CA SER B 159 9.74 17.44 2.21
C SER B 159 9.49 16.81 3.59
N SER B 160 8.75 15.70 3.63
CA SER B 160 8.55 14.97 4.87
C SER B 160 9.87 14.47 5.43
N GLU B 161 10.73 13.95 4.56
CA GLU B 161 12.00 13.39 4.97
C GLU B 161 12.90 14.50 5.51
N SER B 162 12.88 15.67 4.86
CA SER B 162 13.64 16.82 5.37
C SER B 162 13.09 17.25 6.72
N ALA B 163 11.77 17.30 6.87
CA ALA B 163 11.13 17.62 8.14
C ALA B 163 11.52 16.63 9.22
N PHE B 164 11.67 15.35 8.84
CA PHE B 164 12.11 14.32 9.78
C PHE B 164 13.49 14.65 10.34
N TYR B 165 14.49 14.96 9.49
CA TYR B 165 15.84 15.17 10.01
C TYR B 165 15.89 16.45 10.85
N LEU B 166 15.12 17.49 10.48
CA LEU B 166 15.07 18.72 11.26
C LEU B 166 14.45 18.52 12.64
N THR B 167 13.50 17.58 12.77
CA THR B 167 12.74 17.41 14.01
C THR B 167 13.37 16.33 14.89
N VAL B 168 13.63 15.15 14.34
CA VAL B 168 14.08 14.00 15.12
C VAL B 168 15.46 14.27 15.71
N MET B 169 16.31 14.98 14.95
CA MET B 169 17.69 15.25 15.34
C MET B 169 17.82 16.65 15.96
N SER B 170 16.70 17.20 16.46
CA SER B 170 16.64 18.54 17.03
C SER B 170 17.37 18.57 18.37
N ALA B 171 17.81 19.77 18.76
CA ALA B 171 18.27 20.05 20.11
C ALA B 171 17.11 20.61 20.91
N GLY B 172 16.43 21.60 20.32
CA GLY B 172 15.35 22.32 20.96
C GLY B 172 14.00 21.69 20.68
N ASP B 173 12.94 22.49 20.80
CA ASP B 173 11.62 22.03 20.41
C ASP B 173 11.72 21.64 18.95
N PRO B 174 11.29 20.42 18.56
CA PRO B 174 11.22 20.06 17.14
C PRO B 174 10.36 21.04 16.33
N LEU B 175 9.42 21.73 17.00
CA LEU B 175 8.61 22.80 16.42
C LEU B 175 9.44 23.81 15.64
N ARG B 176 10.65 24.12 16.14
CA ARG B 176 11.46 25.20 15.58
C ARG B 176 11.96 24.86 14.17
N GLY B 177 11.89 23.59 13.77
CA GLY B 177 12.35 23.18 12.46
C GLY B 177 13.83 23.51 12.24
N GLU B 178 14.66 23.18 13.24
CA GLU B 178 16.11 23.35 13.09
C GLU B 178 16.83 22.29 13.94
N ALA B 179 17.97 21.82 13.44
CA ALA B 179 18.72 20.73 14.06
C ALA B 179 20.21 21.01 13.94
N PRO B 180 21.02 20.79 15.00
CA PRO B 180 22.48 20.95 14.88
C PRO B 180 23.08 20.14 13.75
N LYS B 181 23.97 20.75 12.96
CA LYS B 181 24.64 20.05 11.88
C LYS B 181 25.38 18.81 12.41
N LYS B 182 26.00 18.92 13.59
CA LYS B 182 26.81 17.83 14.12
C LYS B 182 25.92 16.61 14.42
N PHE B 183 24.64 16.85 14.80
CA PHE B 183 23.68 15.78 15.02
C PHE B 183 23.22 15.15 13.70
N VAL B 184 22.80 15.99 12.74
CA VAL B 184 22.23 15.52 11.49
C VAL B 184 23.31 14.77 10.68
N ASN B 185 24.55 15.27 10.74
CA ASN B 185 25.64 14.67 9.98
C ASN B 185 25.91 13.23 10.47
N VAL B 186 25.92 13.03 11.79
CA VAL B 186 26.14 11.71 12.36
C VAL B 186 24.99 10.78 11.96
N PHE B 187 23.77 11.31 12.06
CA PHE B 187 22.55 10.59 11.68
C PHE B 187 22.69 10.00 10.27
N PHE B 188 23.05 10.82 9.28
CA PHE B 188 23.16 10.37 7.90
C PHE B 188 24.44 9.54 7.68
N GLN B 189 25.59 10.02 8.16
CA GLN B 189 26.90 9.45 7.82
C GLN B 189 27.12 8.12 8.55
N GLU B 190 26.67 8.00 9.79
CA GLU B 190 26.93 6.80 10.58
C GLU B 190 25.65 6.05 10.93
N GLU B 191 24.48 6.64 10.63
CA GLU B 191 23.20 6.06 11.04
C GLU B 191 23.27 5.66 12.51
N ARG B 192 23.60 6.68 13.32
CA ARG B 192 23.78 6.58 14.76
C ARG B 192 23.06 7.77 15.41
N MET B 193 22.46 7.54 16.57
CA MET B 193 21.93 8.60 17.40
C MET B 193 23.12 9.29 18.06
N PRO B 194 23.29 10.62 17.88
CA PRO B 194 24.48 11.30 18.37
C PRO B 194 24.46 11.60 19.88
N ILE B 195 24.39 10.53 20.68
CA ILE B 195 24.23 10.61 22.13
C ILE B 195 25.49 11.25 22.75
N LYS B 196 26.66 10.67 22.43
CA LYS B 196 27.98 11.19 22.79
C LYS B 196 28.06 12.69 22.52
N GLU B 197 27.49 13.14 21.40
CA GLU B 197 27.63 14.52 20.95
C GLU B 197 26.63 15.45 21.64
N GLY B 198 25.68 14.89 22.39
CA GLY B 198 24.77 15.67 23.23
C GLY B 198 23.28 15.56 22.85
N TRP B 199 22.94 14.71 21.86
CA TRP B 199 21.56 14.58 21.41
C TRP B 199 20.74 13.79 22.42
N LYS B 200 19.48 14.20 22.62
CA LYS B 200 18.49 13.44 23.39
C LYS B 200 17.20 13.35 22.60
N ARG B 201 16.53 12.19 22.70
CA ARG B 201 15.17 12.00 22.21
C ARG B 201 14.33 13.22 22.57
N SER B 202 13.58 13.74 21.58
CA SER B 202 12.62 14.82 21.79
C SER B 202 11.66 14.47 22.91
N THR B 203 11.35 15.46 23.76
CA THR B 203 10.33 15.33 24.77
C THR B 203 8.98 15.81 24.23
N THR B 204 8.97 16.40 23.02
CA THR B 204 7.77 16.79 22.32
C THR B 204 7.41 15.71 21.29
N PRO B 205 6.14 15.22 21.28
CA PRO B 205 5.71 14.22 20.32
C PRO B 205 5.83 14.79 18.91
N ILE B 206 6.41 14.01 18.00
CA ILE B 206 6.54 14.39 16.59
C ILE B 206 5.48 13.61 15.80
N ASN B 207 4.47 14.34 15.31
CA ASN B 207 3.30 13.75 14.66
C ASN B 207 2.96 14.58 13.42
N LEU B 208 1.85 14.24 12.73
CA LEU B 208 1.50 14.90 11.49
C LEU B 208 1.14 16.36 11.73
N PRO B 209 0.33 16.73 12.76
CA PRO B 209 0.10 18.14 13.06
C PRO B 209 1.37 18.98 13.21
N LEU B 210 2.42 18.44 13.85
CA LEU B 210 3.68 19.16 14.02
C LEU B 210 4.44 19.25 12.68
N LEU B 211 4.48 18.15 11.93
CA LEU B 211 5.28 18.08 10.71
C LEU B 211 4.66 18.87 9.57
N GLY B 212 3.32 18.87 9.48
CA GLY B 212 2.62 19.41 8.31
C GLY B 212 3.06 20.81 7.89
N PRO B 213 3.02 21.83 8.78
CA PRO B 213 3.45 23.19 8.40
C PRO B 213 4.94 23.30 8.04
N ILE B 214 5.79 22.45 8.63
CA ILE B 214 7.20 22.38 8.28
C ILE B 214 7.34 21.85 6.85
N ILE B 215 6.62 20.76 6.54
CA ILE B 215 6.62 20.16 5.21
C ILE B 215 6.21 21.21 4.16
N ASP B 216 5.09 21.91 4.42
CA ASP B 216 4.50 22.83 3.48
C ASP B 216 5.44 24.01 3.21
N ARG B 217 6.08 24.48 4.29
CA ARG B 217 7.00 25.60 4.23
C ARG B 217 8.26 25.21 3.44
N ILE B 218 8.80 24.01 3.66
CA ILE B 218 9.94 23.52 2.89
C ILE B 218 9.57 23.50 1.41
N THR B 219 8.40 22.93 1.09
CA THR B 219 7.97 22.84 -0.30
C THR B 219 7.90 24.25 -0.91
N GLU B 220 7.24 25.16 -0.18
CA GLU B 220 7.03 26.52 -0.66
C GLU B 220 8.38 27.21 -0.95
N LEU B 221 9.35 27.10 -0.04
CA LEU B 221 10.63 27.77 -0.21
C LEU B 221 11.49 27.10 -1.29
N SER B 222 11.17 25.85 -1.67
CA SER B 222 12.02 25.08 -2.57
C SER B 222 11.82 25.45 -4.04
N ASP B 223 10.84 26.32 -4.34
CA ASP B 223 10.57 26.78 -5.70
C ASP B 223 10.39 25.56 -6.61
N TRP B 224 9.40 24.73 -6.25
CA TRP B 224 9.19 23.43 -6.87
C TRP B 224 8.19 23.50 -8.02
N LYS B 225 8.41 22.67 -9.04
CA LYS B 225 7.47 22.46 -10.13
C LYS B 225 7.47 20.98 -10.52
N PRO B 226 6.33 20.41 -10.97
CA PRO B 226 6.30 19.01 -11.40
C PRO B 226 7.09 18.78 -12.68
N THR B 227 7.45 17.51 -12.93
CA THR B 227 7.99 17.02 -14.18
C THR B 227 6.97 16.12 -14.89
N GLY B 228 6.85 16.23 -16.21
CA GLY B 228 6.11 15.26 -17.03
C GLY B 228 4.65 15.14 -16.61
N ASP B 229 4.15 13.91 -16.54
CA ASP B 229 2.72 13.62 -16.36
C ASP B 229 2.24 13.91 -14.94
N ASN B 230 3.16 14.06 -13.97
CA ASN B 230 2.80 14.34 -12.60
C ASN B 230 1.80 13.30 -12.05
N CYS B 231 2.10 12.02 -12.29
CA CYS B 231 1.25 10.93 -11.86
C CYS B 231 1.71 10.44 -10.48
N GLY B 232 0.85 10.55 -9.47
CA GLY B 232 1.20 10.13 -8.12
C GLY B 232 0.96 8.63 -7.85
N ALA B 233 1.19 7.77 -8.86
CA ALA B 233 1.00 6.34 -8.75
C ALA B 233 2.22 5.71 -8.08
N ILE B 234 1.97 4.85 -7.08
CA ILE B 234 3.04 4.09 -6.44
C ILE B 234 3.07 2.69 -7.03
N VAL B 235 4.26 2.07 -6.96
CA VAL B 235 4.47 0.67 -7.25
C VAL B 235 3.88 -0.13 -6.10
N LEU B 236 3.02 -1.11 -6.41
CA LEU B 236 2.17 -1.78 -5.42
C LEU B 236 2.80 -3.04 -4.84
N GLY B 237 3.92 -3.50 -5.44
CA GLY B 237 4.55 -4.72 -4.98
C GLY B 237 5.79 -5.02 -5.82
N PRO B 238 6.72 -5.86 -5.35
CA PRO B 238 7.98 -6.09 -6.06
C PRO B 238 7.72 -7.02 -7.25
N GLY B 239 8.58 -6.88 -8.28
CA GLY B 239 8.62 -7.78 -9.42
C GLY B 239 7.28 -7.91 -10.16
N LEU B 240 6.56 -6.78 -10.27
CA LEU B 240 5.48 -6.65 -11.24
C LEU B 240 6.10 -6.17 -12.57
C1 NAG C . -18.91 -18.91 -23.48
C2 NAG C . -17.92 -19.25 -24.61
C3 NAG C . -18.58 -19.02 -25.97
C4 NAG C . -19.90 -19.75 -26.05
C5 NAG C . -20.79 -19.28 -24.90
C6 NAG C . -22.13 -19.99 -24.90
C7 NAG C . -15.55 -19.04 -23.99
C8 NAG C . -14.33 -18.17 -23.96
N2 NAG C . -16.66 -18.52 -24.50
O3 NAG C . -17.71 -19.46 -27.01
O4 NAG C . -20.53 -19.49 -27.30
O5 NAG C . -20.14 -19.59 -23.65
O6 NAG C . -21.96 -21.34 -24.46
O7 NAG C . -15.53 -20.19 -23.54
C1 NAG D . -7.15 -7.82 17.67
C2 NAG D . -7.54 -7.59 19.13
C3 NAG D . -6.33 -7.75 20.06
C4 NAG D . -5.47 -8.98 19.71
C5 NAG D . -5.14 -8.98 18.21
C6 NAG D . -4.37 -10.18 17.73
C7 NAG D . -9.51 -6.13 19.39
C8 NAG D . -10.03 -4.74 19.17
N2 NAG D . -8.19 -6.30 19.23
O3 NAG D . -6.82 -7.86 21.38
O4 NAG D . -4.31 -8.95 20.55
O5 NAG D . -6.38 -9.00 17.48
O6 NAG D . -5.01 -11.40 18.05
O7 NAG D . -10.26 -7.06 19.69
C1 NAG E . -17.99 15.33 -9.93
C2 NAG E . -17.07 16.26 -9.14
C3 NAG E . -17.71 17.64 -9.02
C4 NAG E . -18.25 18.16 -10.34
C5 NAG E . -19.15 17.12 -11.00
C6 NAG E . -19.68 17.51 -12.37
C7 NAG E . -15.53 15.26 -7.51
C8 NAG E . -15.46 14.26 -6.39
N2 NAG E . -16.75 15.69 -7.84
O3 NAG E . -16.68 18.48 -8.50
O4 NAG E . -18.99 19.35 -10.11
O5 NAG E . -18.38 15.90 -11.17
O6 NAG E . -18.64 17.71 -13.30
O7 NAG E . -14.52 15.65 -8.08
CHA HEM F . -14.20 -6.86 -5.12
CHB HEM F . -10.73 -6.45 -1.86
CHC HEM F . -9.90 -11.18 -2.14
CHD HEM F . -13.53 -11.58 -5.23
C1A HEM F . -13.36 -6.37 -4.18
C2A HEM F . -13.34 -5.01 -3.79
C3A HEM F . -12.38 -4.89 -2.86
C4A HEM F . -11.77 -6.17 -2.70
CMA HEM F . -11.99 -3.66 -2.12
CAA HEM F . -14.28 -3.95 -4.28
CBA HEM F . -13.89 -3.56 -5.72
CGA HEM F . -15.08 -2.93 -6.38
O1A HEM F . -15.90 -3.64 -6.96
O2A HEM F . -15.24 -1.69 -6.39
C1B HEM F . -10.17 -7.71 -1.70
C2B HEM F . -9.03 -7.95 -0.87
C3B HEM F . -8.80 -9.29 -0.96
C4B HEM F . -9.84 -9.84 -1.85
CMB HEM F . -8.24 -6.94 -0.05
CAB HEM F . -7.73 -10.15 -0.43
CBB HEM F . -6.58 -9.67 -0.10
C1C HEM F . -10.86 -11.75 -2.95
C2C HEM F . -11.04 -13.13 -3.15
C3C HEM F . -12.06 -13.24 -4.05
C4C HEM F . -12.52 -11.93 -4.38
CMC HEM F . -10.24 -14.25 -2.53
CAC HEM F . -12.55 -14.54 -4.45
CBC HEM F . -13.72 -14.70 -4.96
C1D HEM F . -13.97 -10.29 -5.49
C2D HEM F . -15.02 -10.00 -6.49
C3D HEM F . -15.23 -8.66 -6.45
C4D HEM F . -14.28 -8.19 -5.42
CMD HEM F . -15.73 -10.97 -7.40
CAD HEM F . -16.17 -7.89 -7.36
CBD HEM F . -17.37 -7.22 -6.69
CGD HEM F . -18.12 -6.36 -7.67
O1D HEM F . -17.61 -5.90 -8.72
O2D HEM F . -19.31 -6.10 -7.39
NA HEM F . -12.38 -7.07 -3.51
NB HEM F . -10.60 -8.84 -2.26
NC HEM F . -11.77 -11.08 -3.66
ND HEM F . -13.57 -9.20 -4.87
FE HEM F . -12.20 -9.05 -3.54
C1 PEG G . -1.06 -25.57 6.62
O1 PEG G . -1.20 -24.47 7.49
C2 PEG G . -1.09 -26.90 7.34
O2 PEG G . -2.42 -27.21 7.74
C3 PEG G . -2.55 -28.44 8.45
C4 PEG G . -3.88 -28.51 9.18
O4 PEG G . -5.00 -28.18 8.37
C1 TES H . -3.33 -8.82 -11.97
C2 TES H . -2.53 -9.25 -13.19
C3 TES H . -1.85 -8.09 -13.85
O3 TES H . -1.54 -8.14 -15.03
C4 TES H . -1.57 -6.94 -13.01
C5 TES H . -1.82 -6.87 -11.69
C6 TES H . -1.34 -5.69 -10.88
C7 TES H . -2.37 -5.16 -9.89
C8 TES H . -3.00 -6.26 -9.04
C9 TES H . -3.60 -7.36 -9.94
C10 TES H . -2.56 -7.97 -10.95
C11 TES H . -4.37 -8.41 -9.12
C12 TES H . -5.44 -7.80 -8.20
C13 TES H . -4.85 -6.74 -7.28
C14 TES H . -4.10 -5.70 -8.14
C15 TES H . -3.79 -4.58 -7.14
C16 TES H . -5.04 -4.57 -6.22
C17 TES H . -5.87 -5.81 -6.61
O17 TES H . -6.64 -6.36 -5.54
C18 TES H . -3.96 -7.38 -6.21
C19 TES H . -1.49 -8.83 -10.23
C1 PEG I . -16.70 1.28 -28.29
O1 PEG I . -15.63 0.39 -28.57
C2 PEG I . -18.00 0.55 -28.20
O2 PEG I . -18.84 1.14 -27.21
C3 PEG I . -18.32 1.04 -25.89
C4 PEG I . -19.32 1.53 -24.87
O4 PEG I . -20.41 2.26 -25.43
C1 PEG J . -31.08 -13.93 -3.43
O1 PEG J . -31.07 -15.34 -3.58
C2 PEG J . -31.28 -13.48 -2.00
O2 PEG J . -30.31 -12.51 -1.65
C3 PEG J . -30.31 -11.37 -2.52
C4 PEG J . -29.36 -10.32 -2.02
O4 PEG J . -29.93 -9.00 -1.99
C1 GOL K . -18.16 -9.15 19.12
O1 GOL K . -17.26 -10.26 19.23
C2 GOL K . -17.81 -8.25 17.96
O2 GOL K . -18.97 -8.01 17.16
C3 GOL K . -17.24 -6.91 18.37
O3 GOL K . -16.92 -6.10 17.23
C1 PEG L . -28.52 -0.95 -13.15
O1 PEG L . -28.75 0.37 -12.77
C2 PEG L . -27.29 -1.08 -14.00
O2 PEG L . -27.02 -2.47 -14.22
C3 PEG L . -25.70 -2.66 -14.76
C4 PEG L . -25.57 -1.90 -16.05
O4 PEG L . -24.44 -2.33 -16.86
MG MG M . -16.97 -0.51 -6.65
S SO4 N . -27.20 -8.68 16.87
O1 SO4 N . -28.00 -9.34 15.82
O2 SO4 N . -27.39 -9.38 18.14
O3 SO4 N . -27.59 -7.28 16.99
O4 SO4 N . -25.79 -8.75 16.48
S SO4 O . -15.75 -0.50 11.51
O1 SO4 O . -14.94 -1.41 12.31
O2 SO4 O . -17.13 -0.93 11.65
O3 SO4 O . -15.59 0.86 12.01
O4 SO4 O . -15.39 -0.53 10.08
C1 NAG P . 18.30 29.59 8.56
C2 NAG P . 17.27 30.73 8.60
C3 NAG P . 17.77 31.91 7.77
C4 NAG P . 19.15 32.35 8.23
C5 NAG P . 20.11 31.16 8.19
C6 NAG P . 21.49 31.49 8.76
C7 NAG P . 14.93 29.99 8.98
C8 NAG P . 13.75 29.36 8.33
N2 NAG P . 15.95 30.34 8.17
O3 NAG P . 16.85 33.00 7.83
O4 NAG P . 19.61 33.36 7.33
O5 NAG P . 19.58 30.06 8.98
O6 NAG P . 21.53 31.34 10.18
O7 NAG P . 14.97 30.16 10.19
CHA HEM Q . 14.12 8.15 3.37
CHB HEM Q . 14.02 9.63 7.95
CHC HEM Q . 10.51 6.42 8.92
CHD HEM Q . 11.01 4.69 4.45
C1A HEM Q . 14.30 8.88 4.51
C2A HEM Q . 15.09 10.05 4.57
C3A HEM Q . 15.06 10.45 5.86
C4A HEM Q . 14.29 9.53 6.61
CMA HEM Q . 15.76 11.66 6.39
CAA HEM Q . 15.79 10.73 3.41
CBA HEM Q . 17.11 10.04 3.02
CGA HEM Q . 17.63 10.68 1.73
O1A HEM Q . 18.79 10.36 1.37
O2A HEM Q . 16.96 11.51 1.03
C1B HEM Q . 13.05 8.88 8.59
C2B HEM Q . 12.75 9.08 9.94
C3B HEM Q . 11.77 8.22 10.26
C4B HEM Q . 11.50 7.43 9.03
CMB HEM Q . 13.35 10.06 10.94
CAB HEM Q . 11.23 8.09 11.61
CBB HEM Q . 10.81 6.90 12.00
C1C HEM Q . 10.29 5.67 7.77
C2C HEM Q . 9.34 4.64 7.61
C3C HEM Q . 9.51 4.16 6.33
C4C HEM Q . 10.55 4.91 5.72
CMC HEM Q . 8.34 4.16 8.63
CAC HEM Q . 8.87 3.03 5.64
CBC HEM Q . 8.34 2.05 6.33
C1D HEM Q . 11.92 5.51 3.82
C2D HEM Q . 12.28 5.27 2.42
C3D HEM Q . 13.12 6.24 2.14
C4D HEM Q . 13.31 7.04 3.35
CMD HEM Q . 11.80 4.16 1.50
CAD HEM Q . 13.78 6.45 0.80
CBD HEM Q . 13.32 7.72 0.09
CGD HEM Q . 14.44 8.14 -0.83
O1D HEM Q . 15.33 8.88 -0.34
O2D HEM Q . 14.46 7.75 -2.02
NA HEM Q . 13.81 8.59 5.77
NB HEM Q . 12.30 7.91 8.08
NC HEM Q . 10.98 5.81 6.62
ND HEM Q . 12.54 6.58 4.34
FE HEM Q . 12.42 7.19 6.12
C1 TES R . 2.97 14.26 4.71
C2 TES R . 1.99 15.42 4.92
C3 TES R . 1.10 15.61 3.74
O3 TES R . 0.68 16.72 3.42
C4 TES R . 0.74 14.41 3.00
C5 TES R . 1.23 13.19 3.25
C6 TES R . 0.74 12.00 2.48
C7 TES R . 1.86 11.10 1.99
C8 TES R . 2.75 10.68 3.16
C9 TES R . 3.38 11.94 3.80
C10 TES R . 2.29 12.93 4.33
C11 TES R . 4.47 11.60 4.83
C12 TES R . 5.51 10.58 4.33
C13 TES R . 4.83 9.33 3.81
C14 TES R . 3.83 9.71 2.71
C15 TES R . 3.43 8.36 2.09
C16 TES R . 4.72 7.51 2.22
C17 TES R . 5.73 8.38 2.99
O17 TES R . 6.74 7.66 3.72
C18 TES R . 4.18 8.55 4.97
C19 TES R . 1.57 12.38 5.58
C1 PEG S . -3.91 6.11 13.27
O1 PEG S . -3.52 5.74 11.98
C2 PEG S . -2.84 5.80 14.29
O2 PEG S . -2.52 6.89 15.15
C3 PEG S . -3.23 8.11 14.88
C4 PEG S . -2.99 9.13 15.95
O4 PEG S . -4.20 9.58 16.55
MG MG T . 16.10 7.68 -3.50
S SO4 U . 20.80 -6.50 21.45
O1 SO4 U . 19.90 -6.99 20.41
O2 SO4 U . 20.30 -6.92 22.76
O3 SO4 U . 20.86 -5.03 21.44
O4 SO4 U . 22.15 -7.06 21.19
#